data_9FOA
#
_entry.id   9FOA
#
_cell.length_a   57.490
_cell.length_b   57.490
_cell.length_c   183.030
_cell.angle_alpha   90.000
_cell.angle_beta   90.000
_cell.angle_gamma   90.000
#
_symmetry.space_group_name_H-M   'I 41 2 2'
#
loop_
_entity.id
_entity.type
_entity.pdbx_description
1 polymer Streptavidin
2 non-polymer ~{N}-[4-[(3~{a}~{S},4~{S},6~{a}~{R})-2-oxidanylidene-1,3,3~{a},4,6,6~{a}-hexahydrothieno[3,4-d]imidazol-4-yl]butyl]-9,10-bis(oxidanylidene)anthracene-2-carboxamide
3 non-polymer GLYCEROL
4 non-polymer 'SULFATE ION'
5 water water
#
_entity_poly.entity_id   1
_entity_poly.type   'polypeptide(L)'
_entity_poly.pdbx_seq_one_letter_code
;MASMTGGQQMGRDQAGITGTWYNQLGSTFIVTAGADGALTGTYESAVGNAESRYVLTGRYDSAPATDGSGTALGWTVAWK
NNYRNAHSATTWSGQYVGGAEARINTQWLLTSGTTEANAWKSTLVGHDTFTKVKPSAASIDAAKKAGVNNGNPLDAVQQ
;
_entity_poly.pdbx_strand_id   D
#
loop_
_chem_comp.id
_chem_comp.type
_chem_comp.name
_chem_comp.formula
A1ID2 non-polymer ~{N}-[4-[(3~{a}~{S},4~{S},6~{a}~{R})-2-oxidanylidene-1,3,3~{a},4,6,6~{a}-hexahydrothieno[3,4-d]imidazol-4-yl]butyl]-9,10-bis(oxidanylidene)anthracene-2-carboxamide 'C24 H23 N3 O4 S'
GOL non-polymer GLYCEROL 'C3 H8 O3'
SO4 non-polymer 'SULFATE ION' 'O4 S -2'
#
# COMPACT_ATOMS: atom_id res chain seq x y z
N ARG A 12 13.85 -3.83 14.71
CA ARG A 12 12.78 -3.98 13.74
C ARG A 12 13.05 -3.10 12.53
N ASP A 13 12.02 -2.93 11.71
CA ASP A 13 12.13 -2.15 10.48
C ASP A 13 11.30 -0.88 10.52
N GLN A 14 10.99 -0.39 11.71
CA GLN A 14 10.24 0.85 11.81
C GLN A 14 10.93 1.97 11.03
N ALA A 15 12.25 2.11 11.21
CA ALA A 15 12.95 3.17 10.49
C ALA A 15 13.10 2.85 9.02
N GLY A 16 13.25 1.56 8.68
CA GLY A 16 13.41 1.20 7.28
C GLY A 16 12.15 1.43 6.47
N ILE A 17 10.98 1.23 7.08
CA ILE A 17 9.72 1.37 6.34
C ILE A 17 9.26 2.82 6.32
N THR A 18 9.46 3.56 7.41
CA THR A 18 8.95 4.92 7.47
C THR A 18 9.60 5.76 6.39
N GLY A 19 8.76 6.49 5.65
CA GLY A 19 9.21 7.45 4.66
C GLY A 19 8.38 7.40 3.40
N THR A 20 8.98 7.85 2.31
CA THR A 20 8.32 8.03 1.04
C THR A 20 8.82 6.92 0.12
N TRP A 21 7.87 6.29 -0.59
CA TRP A 21 8.12 5.21 -1.50
C TRP A 21 7.41 5.52 -2.81
N TYR A 22 7.94 4.95 -3.90
CA TYR A 22 7.45 5.20 -5.25
C TYR A 22 7.30 3.85 -5.97
N ASN A 23 6.19 3.66 -6.67
CA ASN A 23 6.05 2.40 -7.40
C ASN A 23 6.38 2.60 -8.87
N GLN A 24 6.21 1.50 -9.63
CA GLN A 24 6.56 1.44 -11.04
C GLN A 24 5.67 2.30 -11.92
N LEU A 25 4.50 2.71 -11.42
CA LEU A 25 3.58 3.58 -12.13
C LEU A 25 3.82 5.05 -11.83
N GLY A 26 4.73 5.37 -10.92
CA GLY A 26 4.91 6.74 -10.47
C GLY A 26 4.05 7.18 -9.31
N SER A 27 3.34 6.26 -8.66
CA SER A 27 2.55 6.59 -7.49
C SER A 27 3.46 6.80 -6.29
N THR A 28 2.97 7.60 -5.33
CA THR A 28 3.72 8.00 -4.14
C THR A 28 3.01 7.55 -2.88
N PHE A 29 3.74 6.80 -2.06
CA PHE A 29 3.27 6.11 -0.85
C PHE A 29 4.10 6.73 0.29
N ILE A 30 3.45 7.51 1.15
CA ILE A 30 4.10 8.15 2.28
C ILE A 30 3.60 7.49 3.55
N VAL A 31 4.51 6.92 4.36
CA VAL A 31 4.06 6.08 5.47
C VAL A 31 4.90 6.31 6.73
N THR A 32 4.24 6.21 7.87
CA THR A 32 4.90 6.17 9.16
C THR A 32 4.61 4.82 9.80
N ALA A 33 5.67 4.11 10.17
CA ALA A 33 5.55 2.85 10.89
C ALA A 33 5.69 3.11 12.38
N GLY A 34 4.73 2.64 13.14
CA GLY A 34 4.73 2.77 14.58
C GLY A 34 5.40 1.59 15.26
N ALA A 35 5.83 1.80 16.51
CA ALA A 35 6.57 0.75 17.18
C ALA A 35 5.74 -0.49 17.38
N ASP A 36 4.42 -0.33 17.38
CA ASP A 36 3.43 -1.33 17.71
C ASP A 36 2.93 -2.14 16.52
N GLY A 37 3.37 -1.81 15.30
CA GLY A 37 2.91 -2.46 14.09
C GLY A 37 2.02 -1.60 13.23
N ALA A 38 1.73 -0.37 13.62
CA ALA A 38 0.82 0.46 12.84
C ALA A 38 1.52 1.02 11.62
N LEU A 39 0.75 1.16 10.53
CA LEU A 39 1.14 1.94 9.35
C LEU A 39 0.10 3.02 9.16
N THR A 40 0.54 4.26 9.03
CA THR A 40 -0.39 5.36 8.73
C THR A 40 0.28 6.25 7.72
N GLY A 41 -0.52 6.85 6.84
CA GLY A 41 0.06 7.80 5.90
C GLY A 41 -0.90 8.21 4.81
N THR A 42 -0.31 8.48 3.65
CA THR A 42 -1.10 8.92 2.50
C THR A 42 -0.58 8.23 1.25
N TYR A 43 -1.48 8.13 0.28
CA TYR A 43 -1.16 7.56 -1.01
C TYR A 43 -1.65 8.48 -2.10
N GLU A 44 -0.85 8.64 -3.15
CA GLU A 44 -1.19 9.43 -4.32
C GLU A 44 -0.95 8.57 -5.56
N SER A 45 -2.01 8.24 -6.27
CA SER A 45 -1.90 7.36 -7.42
C SER A 45 -1.61 8.14 -8.68
N ALA A 46 -0.66 7.63 -9.47
CA ALA A 46 -0.37 8.20 -10.78
C ALA A 46 -1.41 7.79 -11.82
N VAL A 47 -2.25 6.82 -11.50
CA VAL A 47 -3.21 6.30 -12.46
C VAL A 47 -4.58 6.15 -11.83
N GLY A 48 -5.57 6.05 -12.69
CA GLY A 48 -6.91 5.77 -12.26
C GLY A 48 -7.70 7.02 -11.92
N ASN A 49 -8.87 6.77 -11.34
CA ASN A 49 -9.82 7.85 -11.03
C ASN A 49 -9.43 8.33 -9.64
N ALA A 50 -8.36 9.10 -9.60
CA ALA A 50 -7.74 9.49 -8.35
C ALA A 50 -7.04 10.82 -8.55
N GLU A 51 -7.11 11.66 -7.54
CA GLU A 51 -6.45 12.95 -7.54
C GLU A 51 -6.03 13.29 -6.13
N SER A 52 -4.79 13.75 -6.00
CA SER A 52 -4.22 14.16 -4.72
C SER A 52 -4.07 12.98 -3.79
N ARG A 53 -3.98 13.25 -2.49
CA ARG A 53 -3.64 12.25 -1.51
C ARG A 53 -4.90 11.66 -0.89
N TYR A 54 -4.79 10.38 -0.53
CA TYR A 54 -5.82 9.61 0.13
C TYR A 54 -5.22 9.01 1.40
N VAL A 55 -6.06 8.92 2.43
CA VAL A 55 -5.60 8.30 3.67
C VAL A 55 -5.29 6.84 3.46
N LEU A 56 -4.22 6.37 4.07
CA LEU A 56 -4.02 4.94 4.21
C LEU A 56 -3.76 4.54 5.65
N THR A 57 -4.08 3.29 5.95
CA THR A 57 -3.76 2.67 7.22
C THR A 57 -3.46 1.21 6.95
N GLY A 58 -2.58 0.65 7.78
CA GLY A 58 -2.25 -0.75 7.67
C GLY A 58 -1.48 -1.24 8.87
N ARG A 59 -0.82 -2.37 8.68
CA ARG A 59 -0.12 -3.09 9.74
C ARG A 59 1.12 -3.73 9.16
N TYR A 60 2.14 -3.88 10.00
CA TYR A 60 3.34 -4.61 9.61
C TYR A 60 3.82 -5.45 10.77
N ASP A 61 4.60 -6.48 10.47
CA ASP A 61 5.23 -7.32 11.48
C ASP A 61 6.39 -6.56 12.12
N SER A 62 6.23 -6.18 13.37
CA SER A 62 7.23 -5.37 14.04
C SER A 62 8.34 -6.19 14.69
N ALA A 63 8.31 -7.51 14.54
CA ALA A 63 9.37 -8.39 15.04
C ALA A 63 9.57 -9.50 14.03
N PRO A 64 10.10 -9.18 12.85
CA PRO A 64 10.23 -10.19 11.80
C PRO A 64 11.27 -11.23 12.17
N ALA A 65 11.31 -12.28 11.35
CA ALA A 65 12.32 -13.30 11.54
C ALA A 65 13.70 -12.70 11.29
N THR A 66 14.72 -13.34 11.84
CA THR A 66 16.08 -12.85 11.71
C THR A 66 16.92 -13.71 10.77
N ASP A 67 16.27 -14.46 9.88
CA ASP A 67 16.92 -15.42 9.00
C ASP A 67 17.09 -14.90 7.57
N GLY A 68 16.93 -13.61 7.36
CA GLY A 68 17.02 -13.04 6.02
C GLY A 68 15.69 -12.87 5.36
N SER A 69 14.62 -13.29 6.00
CA SER A 69 13.29 -13.14 5.44
C SER A 69 12.87 -11.67 5.46
N GLY A 70 11.98 -11.34 4.53
CA GLY A 70 11.36 -10.05 4.49
C GLY A 70 10.38 -9.85 5.63
N THR A 71 9.83 -8.64 5.69
CA THR A 71 8.92 -8.20 6.73
C THR A 71 7.52 -8.03 6.16
N ALA A 72 6.58 -8.85 6.62
CA ALA A 72 5.24 -8.83 6.05
C ALA A 72 4.51 -7.57 6.46
N LEU A 73 3.68 -7.05 5.56
CA LEU A 73 2.91 -5.84 5.84
C LEU A 73 1.73 -5.76 4.88
N GLY A 74 0.79 -4.88 5.18
CA GLY A 74 -0.30 -4.60 4.27
C GLY A 74 -0.91 -3.26 4.62
N TRP A 75 -1.60 -2.66 3.65
CA TRP A 75 -2.34 -1.43 3.92
C TRP A 75 -3.52 -1.30 2.98
N THR A 76 -4.41 -0.39 3.33
CA THR A 76 -5.61 -0.12 2.56
C THR A 76 -5.74 1.36 2.26
N VAL A 77 -6.23 1.67 1.06
CA VAL A 77 -6.73 2.99 0.67
C VAL A 77 -8.16 2.82 0.19
N ALA A 78 -9.10 3.55 0.79
CA ALA A 78 -10.40 3.77 0.16
C ALA A 78 -10.32 5.04 -0.67
N TRP A 79 -10.76 4.95 -1.92
CA TRP A 79 -10.48 6.01 -2.89
C TRP A 79 -11.50 7.13 -2.84
N LYS A 80 -11.73 7.63 -1.64
CA LYS A 80 -12.51 8.82 -1.38
C LYS A 80 -11.66 9.83 -0.65
N ASN A 81 -11.63 11.05 -1.16
CA ASN A 81 -11.02 12.18 -0.47
C ASN A 81 -11.91 13.38 -0.74
N ASN A 82 -11.39 14.56 -0.51
CA ASN A 82 -12.23 15.74 -0.68
C ASN A 82 -12.44 16.12 -2.13
N TYR A 83 -11.71 15.47 -3.05
CA TYR A 83 -11.77 15.78 -4.47
C TYR A 83 -12.59 14.79 -5.27
N ARG A 84 -12.49 13.49 -4.95
CA ARG A 84 -13.10 12.48 -5.78
C ARG A 84 -13.52 11.31 -4.92
N ASN A 85 -14.42 10.49 -5.45
CA ASN A 85 -14.78 9.24 -4.81
C ASN A 85 -14.99 8.18 -5.90
N ALA A 86 -14.05 7.25 -5.98
CA ALA A 86 -14.12 6.19 -6.97
C ALA A 86 -14.92 4.99 -6.50
N HIS A 87 -15.52 5.07 -5.32
CA HIS A 87 -16.30 3.98 -4.76
C HIS A 87 -15.56 2.66 -4.90
N SER A 88 -14.36 2.64 -4.35
CA SER A 88 -13.48 1.50 -4.47
C SER A 88 -12.43 1.58 -3.39
N ALA A 89 -11.79 0.45 -3.14
CA ALA A 89 -10.70 0.37 -2.17
C ALA A 89 -9.64 -0.60 -2.66
N THR A 90 -8.38 -0.26 -2.45
CA THR A 90 -7.27 -1.14 -2.76
C THR A 90 -6.60 -1.56 -1.47
N THR A 91 -6.29 -2.85 -1.37
CA THR A 91 -5.42 -3.36 -0.34
C THR A 91 -4.14 -3.89 -1.00
N TRP A 92 -3.01 -3.53 -0.44
CA TRP A 92 -1.70 -4.05 -0.84
C TRP A 92 -1.20 -4.97 0.26
N SER A 93 -0.77 -6.17 -0.12
CA SER A 93 -0.23 -7.18 0.77
C SER A 93 1.16 -7.50 0.24
N GLY A 94 2.15 -7.53 1.11
CA GLY A 94 3.48 -7.74 0.59
C GLY A 94 4.51 -7.85 1.70
N GLN A 95 5.75 -7.64 1.30
CA GLN A 95 6.83 -7.70 2.27
C GLN A 95 7.87 -6.64 1.95
N TYR A 96 8.41 -6.06 3.01
CA TYR A 96 9.53 -5.14 2.92
C TYR A 96 10.83 -5.93 2.94
N VAL A 97 11.73 -5.57 2.04
CA VAL A 97 13.05 -6.19 1.96
C VAL A 97 14.05 -5.06 2.14
N GLY A 98 14.86 -5.14 3.19
CA GLY A 98 15.80 -4.09 3.49
C GLY A 98 17.05 -4.19 2.64
N GLY A 99 17.99 -3.28 2.88
CA GLY A 99 19.29 -3.32 2.24
C GLY A 99 19.51 -2.14 1.33
N ALA A 100 20.61 -2.21 0.56
CA ALA A 100 21.05 -1.04 -0.20
C ALA A 100 20.00 -0.59 -1.19
N GLU A 101 19.25 -1.52 -1.75
CA GLU A 101 18.17 -1.22 -2.67
C GLU A 101 16.91 -1.78 -2.03
N ALA A 102 16.47 -1.13 -0.97
CA ALA A 102 15.31 -1.61 -0.24
C ALA A 102 14.07 -1.54 -1.12
N ARG A 103 13.15 -2.45 -0.87
CA ARG A 103 11.94 -2.50 -1.67
C ARG A 103 10.79 -2.97 -0.82
N ILE A 104 9.60 -2.60 -1.25
CA ILE A 104 8.37 -3.23 -0.76
C ILE A 104 7.73 -3.91 -1.96
N ASN A 105 7.69 -5.23 -1.94
CA ASN A 105 7.09 -6.01 -3.03
C ASN A 105 5.68 -6.38 -2.64
N THR A 106 4.72 -5.99 -3.46
CA THR A 106 3.32 -6.19 -3.12
C THR A 106 2.50 -6.82 -4.24
N GLN A 107 1.40 -7.45 -3.82
CA GLN A 107 0.26 -7.76 -4.68
C GLN A 107 -0.92 -6.99 -4.10
N TRP A 108 -1.88 -6.64 -4.97
CA TRP A 108 -2.99 -5.82 -4.50
C TRP A 108 -4.31 -6.27 -5.08
N LEU A 109 -5.36 -5.94 -4.33
CA LEU A 109 -6.74 -6.22 -4.73
C LEU A 109 -7.50 -4.91 -4.65
N LEU A 110 -8.12 -4.52 -5.75
CA LEU A 110 -8.90 -3.28 -5.89
C LEU A 110 -10.36 -3.67 -6.11
N THR A 111 -11.19 -3.49 -5.09
CA THR A 111 -12.60 -3.83 -5.20
C THR A 111 -13.40 -2.56 -5.36
N SER A 112 -14.29 -2.55 -6.32
CA SER A 112 -15.29 -1.51 -6.48
C SER A 112 -16.62 -1.94 -5.90
N GLY A 113 -17.37 -1.01 -5.33
CA GLY A 113 -18.75 -1.30 -5.01
C GLY A 113 -19.52 -1.54 -6.30
N THR A 114 -20.27 -2.63 -6.33
CA THR A 114 -21.04 -3.00 -7.52
C THR A 114 -22.42 -3.45 -7.08
N THR A 115 -23.34 -3.53 -8.06
CA THR A 115 -24.57 -4.23 -7.80
C THR A 115 -24.26 -5.71 -7.64
N GLU A 116 -25.24 -6.45 -7.09
CA GLU A 116 -25.02 -7.89 -6.92
C GLU A 116 -24.86 -8.56 -8.28
N ALA A 117 -25.57 -8.09 -9.29
CA ALA A 117 -25.44 -8.69 -10.61
C ALA A 117 -24.05 -8.52 -11.17
N ASN A 118 -23.34 -7.47 -10.79
CA ASN A 118 -22.02 -7.21 -11.33
C ASN A 118 -20.89 -7.59 -10.37
N ALA A 119 -21.19 -8.24 -9.26
CA ALA A 119 -20.16 -8.52 -8.26
C ALA A 119 -19.06 -9.42 -8.81
N TRP A 120 -19.36 -10.22 -9.83
CA TRP A 120 -18.35 -11.09 -10.39
C TRP A 120 -17.19 -10.29 -11.00
N LYS A 121 -17.44 -9.05 -11.42
CA LYS A 121 -16.40 -8.18 -12.00
C LYS A 121 -16.07 -6.99 -11.11
N SER A 122 -16.14 -7.20 -9.80
CA SER A 122 -15.85 -6.13 -8.86
C SER A 122 -14.38 -5.93 -8.54
N THR A 123 -13.50 -6.90 -8.75
CA THR A 123 -12.19 -6.88 -8.12
C THR A 123 -11.09 -7.05 -9.17
N LEU A 124 -10.22 -6.05 -9.26
CA LEU A 124 -8.97 -6.12 -10.00
C LEU A 124 -7.86 -6.64 -9.11
N VAL A 125 -6.88 -7.31 -9.76
CA VAL A 125 -5.69 -7.77 -9.06
C VAL A 125 -4.45 -7.31 -9.82
N GLY A 126 -3.41 -6.94 -9.09
CA GLY A 126 -2.16 -6.55 -9.70
C GLY A 126 -1.03 -6.65 -8.71
N HIS A 127 0.11 -6.11 -9.12
CA HIS A 127 1.35 -6.16 -8.33
C HIS A 127 2.13 -4.87 -8.52
N ASP A 128 2.54 -4.28 -7.40
CA ASP A 128 3.35 -3.07 -7.36
C ASP A 128 4.64 -3.33 -6.62
N THR A 129 5.74 -2.82 -7.15
CA THR A 129 7.00 -2.77 -6.41
C THR A 129 7.34 -1.34 -6.07
N PHE A 130 7.58 -1.09 -4.80
CA PHE A 130 7.94 0.23 -4.31
C PHE A 130 9.42 0.28 -3.98
N THR A 131 10.07 1.38 -4.37
CA THR A 131 11.46 1.65 -4.03
C THR A 131 11.54 3.01 -3.39
N LYS A 132 12.70 3.32 -2.80
CA LYS A 132 12.89 4.61 -2.17
C LYS A 132 13.32 5.68 -3.16
N VAL A 133 13.71 5.29 -4.35
CA VAL A 133 14.13 6.19 -5.42
C VAL A 133 13.02 6.28 -6.48
C10 A1ID2 B . -11.46 0.61 -12.39
C21 A1ID2 B . -7.41 4.56 -8.13
C22 A1ID2 B . -6.81 3.15 -8.15
C23 A1ID2 B . -5.31 3.15 -8.41
C01 A1ID2 B . -13.56 -3.91 -11.17
C03 A1ID2 B . -13.05 -2.75 -13.21
C05 A1ID2 B . -12.53 -1.74 -11.08
C06 A1ID2 B . -13.04 -2.86 -10.43
C07 A1ID2 B . -11.99 -0.63 -10.27
C09 A1ID2 B . -11.44 0.54 -10.98
C11 A1ID2 B . -11.97 -0.51 -13.20
C13 A1ID2 B . -10.92 1.73 -13.02
C14 A1ID2 B . -10.37 2.76 -12.26
C15 A1ID2 B . -10.35 2.69 -10.88
C16 A1ID2 B . -10.89 1.58 -10.24
C17 A1ID2 B . -9.67 3.76 -10.09
C20 A1ID2 B . -8.91 4.56 -7.93
C02 A1ID2 B . -13.56 -3.86 -12.55
C04 A1ID2 B . -12.53 -1.68 -12.48
C24 A1ID2 B . -4.71 1.77 -8.43
C25 A1ID2 B . -3.30 1.68 -9.04
C27 A1ID2 B . -1.33 2.35 -8.02
C30 A1ID2 B . -2.55 0.44 -8.51
C31 A1ID2 B . -3.47 -0.27 -7.53
N19 A1ID2 B . -9.58 3.58 -8.78
N26 A1ID2 B . -2.41 2.77 -8.70
N29 A1ID2 B . -1.33 1.02 -7.96
O08 A1ID2 B . -11.98 -0.69 -9.05
O12 A1ID2 B . -11.90 -0.49 -14.42
O18 A1ID2 B . -9.22 4.75 -10.64
O28 A1ID2 B . -0.46 3.09 -7.57
S32 A1ID2 B . -4.47 1.05 -6.77
H212 A1ID2 B . -7.00 5.08 -7.41
H211 A1ID2 B . -7.20 5.01 -8.97
H221 A1ID2 B . -7.26 2.62 -8.83
H222 A1ID2 B . -6.99 2.73 -7.28
H232 A1ID2 B . -4.87 3.69 -7.72
H231 A1ID2 B . -5.15 3.59 -9.26
H011 A1ID2 B . -13.91 -4.71 -10.72
H031 A1ID2 B . -13.06 -2.73 -14.19
H061 A1ID2 B . -13.04 -2.91 -9.45
H131 A1ID2 B . -10.92 1.80 -14.00
H141 A1ID2 B . -9.99 3.54 -12.72
H161 A1ID2 B . -10.89 1.52 -9.27
H201 A1ID2 B . -9.15 4.36 -7.00
H202 A1ID2 B . -9.29 5.45 -8.14
H021 A1ID2 B . -13.92 -4.61 -13.07
H241 A1ID2 B . -5.30 1.17 -8.92
H251 A1ID2 B . -3.37 1.64 -10.02
H301 A1ID2 B . -2.23 -0.15 -9.21
H311 A1ID2 B . -2.98 -0.75 -6.83
H312 A1ID2 B . -4.07 -0.91 -7.98
H191 A1ID2 B . -9.92 2.86 -8.39
H261 A1ID2 B . -2.52 3.62 -8.90
H291 A1ID2 B . -0.63 0.58 -7.62
C1 GOL C . -8.52 5.29 -16.43
O1 GOL C . -8.76 4.75 -15.15
C2 GOL C . -7.57 6.48 -16.37
O2 GOL C . -8.15 7.48 -15.56
C3 GOL C . -6.25 5.98 -15.83
O3 GOL C . -5.28 7.00 -15.84
H11 GOL C . -9.36 5.59 -16.84
H12 GOL C . -8.14 4.64 -17.03
HO1 GOL C . -9.45 4.25 -15.20
H2 GOL C . -7.44 6.85 -17.26
HO2 GOL C . -8.37 7.12 -14.83
H31 GOL C . -5.97 5.23 -16.37
H32 GOL C . -6.39 5.65 -14.92
HO3 GOL C . -4.62 6.77 -15.37
C1 GOL D . 8.37 -12.26 16.97
O1 GOL D . 7.41 -11.93 17.95
C2 GOL D . 9.29 -13.37 17.43
O2 GOL D . 8.51 -14.51 17.67
C3 GOL D . 10.33 -13.60 16.34
O3 GOL D . 11.08 -12.41 16.17
H11 GOL D . 8.91 -11.49 16.75
H12 GOL D . 7.93 -12.55 16.16
HO1 GOL D . 6.91 -12.59 18.07
H2 GOL D . 9.76 -13.12 18.24
HO2 GOL D . 9.04 -15.17 17.79
H31 GOL D . 9.87 -13.86 15.51
H32 GOL D . 10.90 -14.34 16.60
HO3 GOL D . 11.78 -12.60 15.71
S SO4 E . -8.38 12.31 -15.07
O1 SO4 E . -7.67 12.02 -16.35
O2 SO4 E . -7.37 12.49 -13.96
O3 SO4 E . -9.17 13.58 -15.21
O4 SO4 E . -9.29 11.18 -14.73
#